data_3HO6
#
_entry.id   3HO6
#
_cell.length_a   141.312
_cell.length_b   43.500
_cell.length_c   94.692
_cell.angle_alpha   90.00
_cell.angle_beta   112.88
_cell.angle_gamma   90.00
#
_symmetry.space_group_name_H-M   'C 1 2 1'
#
loop_
_entity.id
_entity.type
_entity.pdbx_description
1 polymer 'Toxin A'
2 non-polymer 'INOSITOL HEXAKISPHOSPHATE'
3 water water
#
_entity_poly.entity_id   1
_entity_poly.type   'polypeptide(L)'
_entity_poly.pdbx_seq_one_letter_code
;SEDNGVDFNKNTALDKNYLLNNKIPSNNVEEAGSKNYVHYIIQLQGDDISYEATCNLFSKNPKNSIIIQRNMNESAKSYF
LSDDGESILELNKYRIPERLKNKEKVKVTFIGHGKDEFNTSEFARLSVDSLSNEISSFLDTIKLDISPKNVEVNLLGCNM
FSYDFNVEETYPGKLLLSIMDKITSTLPDVNKNSITIGANQYEVRINSEGRKELLAHSGKWINKEEAIMSDLSSKEYIFF
DSIDNKLKAKSKNIPGLASISEDIKTL
;
_entity_poly.pdbx_strand_id   A,B
#
# COMPACT_ATOMS: atom_id res chain seq x y z
N GLY A 5 -0.21 6.51 13.32
CA GLY A 5 0.79 5.67 13.94
C GLY A 5 0.67 4.21 13.54
N VAL A 6 -0.47 3.86 12.92
CA VAL A 6 -0.73 2.48 12.50
C VAL A 6 0.40 1.93 11.64
N ASP A 7 0.95 0.80 12.06
CA ASP A 7 1.99 0.12 11.31
C ASP A 7 1.31 -0.92 10.41
N PHE A 8 1.19 -0.61 9.12
CA PHE A 8 0.65 -1.59 8.16
C PHE A 8 1.66 -2.65 7.76
N ASN A 9 2.88 -2.51 8.26
CA ASN A 9 3.92 -3.49 8.00
C ASN A 9 4.30 -4.32 9.22
N LYS A 10 3.44 -4.31 10.23
CA LYS A 10 3.71 -5.12 11.43
C LYS A 10 3.75 -6.61 11.07
N ASN A 11 2.75 -7.07 10.32
CA ASN A 11 2.73 -8.42 9.78
C ASN A 11 2.89 -9.50 10.86
N THR A 12 2.10 -9.35 11.92
CA THR A 12 1.98 -10.36 12.96
C THR A 12 1.57 -11.68 12.32
N ALA A 13 2.39 -12.72 12.54
CA ALA A 13 2.12 -14.05 12.00
C ALA A 13 1.02 -14.75 12.81
N LEU A 14 0.13 -15.46 12.12
CA LEU A 14 -0.95 -16.17 12.81
C LEU A 14 -0.42 -17.04 13.92
N ASP A 15 -0.96 -16.88 15.13
CA ASP A 15 -0.62 -17.74 16.25
C ASP A 15 -1.71 -18.79 16.34
N LYS A 16 -1.37 -20.02 15.96
CA LYS A 16 -2.34 -21.08 15.92
C LYS A 16 -2.96 -21.38 17.30
N ASN A 17 -2.15 -21.27 18.35
CA ASN A 17 -2.62 -21.54 19.71
C ASN A 17 -3.56 -20.41 20.19
N TYR A 18 -3.36 -19.19 19.71
CA TYR A 18 -4.27 -18.10 20.00
C TYR A 18 -5.67 -18.48 19.50
N LEU A 19 -5.76 -18.98 18.28
CA LEU A 19 -7.07 -19.41 17.77
C LEU A 19 -7.64 -20.58 18.55
N LEU A 20 -6.87 -21.65 18.72
CA LEU A 20 -7.42 -22.84 19.34
C LEU A 20 -7.81 -22.66 20.81
N ASN A 21 -6.97 -21.95 21.56
CA ASN A 21 -7.10 -21.89 23.02
C ASN A 21 -7.84 -20.66 23.52
N ASN A 22 -7.92 -19.60 22.70
CA ASN A 22 -8.55 -18.39 23.16
C ASN A 22 -9.73 -18.01 22.26
N LYS A 23 -9.45 -17.76 20.99
CA LYS A 23 -10.47 -17.20 20.12
C LYS A 23 -11.61 -18.16 19.74
N ILE A 24 -11.29 -19.42 19.43
CA ILE A 24 -12.35 -20.36 19.09
C ILE A 24 -13.25 -20.65 20.32
N PRO A 25 -12.65 -20.91 21.49
CA PRO A 25 -13.45 -21.13 22.70
C PRO A 25 -14.34 -19.91 23.00
N SER A 26 -13.82 -18.70 22.82
CA SER A 26 -14.58 -17.47 23.12
C SER A 26 -15.66 -17.13 22.10
N ASN A 27 -15.39 -17.39 20.82
CA ASN A 27 -16.22 -16.84 19.75
C ASN A 27 -17.07 -17.87 19.01
N ASN A 28 -16.75 -19.15 19.12
CA ASN A 28 -17.54 -20.12 18.38
C ASN A 28 -18.85 -20.45 19.09
N GLY A 33 -25.32 -23.71 12.91
CA GLY A 33 -25.94 -23.21 11.70
C GLY A 33 -25.06 -23.49 10.49
N SER A 34 -25.29 -24.63 9.85
CA SER A 34 -24.47 -25.05 8.73
C SER A 34 -24.58 -24.08 7.57
N LYS A 35 -23.53 -23.29 7.37
CA LYS A 35 -23.42 -22.46 6.19
C LYS A 35 -23.20 -23.37 4.99
N ASN A 36 -23.73 -23.00 3.83
CA ASN A 36 -23.54 -23.80 2.64
C ASN A 36 -22.33 -23.32 1.84
N TYR A 37 -21.36 -22.72 2.52
CA TYR A 37 -20.22 -22.20 1.80
C TYR A 37 -18.90 -22.41 2.48
N VAL A 38 -17.84 -22.43 1.65
CA VAL A 38 -16.49 -22.27 2.17
C VAL A 38 -16.24 -20.77 2.20
N HIS A 39 -15.77 -20.29 3.34
CA HIS A 39 -15.46 -18.88 3.51
C HIS A 39 -13.95 -18.66 3.49
N TYR A 40 -13.45 -18.04 2.43
CA TYR A 40 -12.04 -17.69 2.35
C TYR A 40 -11.88 -16.28 2.91
N ILE A 41 -11.13 -16.15 3.99
CA ILE A 41 -10.94 -14.86 4.67
C ILE A 41 -9.52 -14.39 4.40
N ILE A 42 -9.43 -13.37 3.57
CA ILE A 42 -8.16 -12.89 3.03
C ILE A 42 -7.75 -11.57 3.65
N GLN A 43 -6.73 -11.63 4.49
CA GLN A 43 -6.16 -10.47 5.13
C GLN A 43 -5.20 -9.78 4.16
N LEU A 44 -5.58 -8.62 3.63
CA LEU A 44 -4.75 -7.95 2.64
C LEU A 44 -3.64 -7.10 3.23
N GLN A 45 -3.86 -6.48 4.39
CA GLN A 45 -2.92 -5.51 4.94
C GLN A 45 -2.35 -6.04 6.25
N GLY A 46 -1.16 -5.56 6.59
CA GLY A 46 -0.40 -6.14 7.67
C GLY A 46 -0.58 -5.46 9.02
N ASP A 47 -1.61 -4.65 9.20
CA ASP A 47 -1.84 -3.96 10.47
C ASP A 47 -2.53 -4.89 11.46
N ASP A 48 -2.36 -4.64 12.76
CA ASP A 48 -2.94 -5.53 13.76
C ASP A 48 -4.46 -5.48 13.81
N ILE A 49 -5.09 -4.35 13.43
CA ILE A 49 -6.54 -4.34 13.31
C ILE A 49 -7.02 -5.37 12.27
N SER A 50 -6.41 -5.41 11.09
CA SER A 50 -6.74 -6.42 10.09
C SER A 50 -6.49 -7.82 10.64
N TYR A 51 -5.36 -8.01 11.33
CA TYR A 51 -5.03 -9.31 11.87
C TYR A 51 -6.08 -9.80 12.85
N GLU A 52 -6.46 -8.94 13.80
CA GLU A 52 -7.48 -9.33 14.79
C GLU A 52 -8.85 -9.60 14.17
N ALA A 53 -9.24 -8.80 13.17
CA ALA A 53 -10.47 -9.05 12.47
C ALA A 53 -10.50 -10.39 11.78
N THR A 54 -9.39 -10.73 11.14
CA THR A 54 -9.23 -12.02 10.45
C THR A 54 -9.36 -13.19 11.46
N CYS A 55 -8.63 -13.12 12.57
CA CYS A 55 -8.69 -14.13 13.63
C CYS A 55 -10.08 -14.25 14.18
N ASN A 56 -10.69 -13.11 14.47
CA ASN A 56 -11.97 -13.12 15.16
C ASN A 56 -13.07 -13.69 14.24
N LEU A 57 -13.08 -13.25 12.97
CA LEU A 57 -14.07 -13.74 12.03
C LEU A 57 -13.93 -15.23 11.81
N PHE A 58 -12.70 -15.71 11.65
CA PHE A 58 -12.48 -17.13 11.48
C PHE A 58 -13.00 -17.92 12.67
N SER A 59 -12.72 -17.41 13.86
CA SER A 59 -12.97 -18.16 15.09
CA SER A 59 -12.97 -18.17 15.09
C SER A 59 -14.45 -18.31 15.41
N LYS A 60 -15.27 -17.46 14.82
CA LYS A 60 -16.71 -17.56 14.99
C LYS A 60 -17.31 -18.78 14.24
N ASN A 61 -16.72 -19.14 13.09
CA ASN A 61 -17.18 -20.26 12.25
CA ASN A 61 -17.18 -20.25 12.25
C ASN A 61 -15.98 -21.01 11.71
N PRO A 62 -15.24 -21.67 12.60
CA PRO A 62 -13.93 -22.15 12.21
C PRO A 62 -14.02 -23.37 11.25
N LYS A 63 -15.09 -24.13 11.27
CA LYS A 63 -15.15 -25.37 10.49
C LYS A 63 -15.19 -25.12 8.99
N ASN A 64 -15.81 -24.03 8.57
CA ASN A 64 -15.97 -23.78 7.14
CA ASN A 64 -15.96 -23.81 7.13
C ASN A 64 -15.13 -22.65 6.59
N SER A 65 -14.20 -22.16 7.41
CA SER A 65 -13.42 -20.98 7.03
C SER A 65 -11.95 -21.29 6.83
N ILE A 66 -11.32 -20.40 6.09
CA ILE A 66 -9.90 -20.49 5.75
C ILE A 66 -9.30 -19.13 5.97
N ILE A 67 -8.17 -19.04 6.66
CA ILE A 67 -7.43 -17.79 6.73
C ILE A 67 -6.27 -17.79 5.75
N ILE A 68 -6.13 -16.70 5.00
CA ILE A 68 -4.96 -16.43 4.22
C ILE A 68 -4.42 -15.07 4.56
N GLN A 69 -3.19 -14.99 5.07
CA GLN A 69 -2.57 -13.69 5.36
C GLN A 69 -1.84 -13.30 4.10
N ARG A 70 -2.58 -12.68 3.17
CA ARG A 70 -1.99 -12.35 1.88
C ARG A 70 -0.89 -11.31 1.99
N ASN A 71 -0.90 -10.54 3.07
CA ASN A 71 0.17 -9.61 3.38
C ASN A 71 1.54 -10.29 3.61
N MET A 72 1.54 -11.60 3.79
CA MET A 72 2.78 -12.35 3.96
C MET A 72 3.42 -12.74 2.63
N ASN A 73 2.73 -12.45 1.53
CA ASN A 73 3.34 -12.59 0.21
C ASN A 73 3.81 -14.02 -0.07
N GLU A 74 5.12 -14.19 -0.27
CA GLU A 74 5.64 -15.50 -0.67
C GLU A 74 5.38 -16.55 0.41
N SER A 75 5.21 -16.11 1.65
CA SER A 75 4.96 -17.01 2.77
C SER A 75 3.45 -17.20 3.10
N ALA A 76 2.58 -16.62 2.29
CA ALA A 76 1.14 -16.80 2.49
C ALA A 76 0.76 -18.26 2.32
N LYS A 77 -0.14 -18.70 3.17
CA LYS A 77 -0.70 -20.03 3.07
C LYS A 77 -2.12 -20.08 3.58
N SER A 78 -2.83 -21.16 3.26
CA SER A 78 -4.16 -21.43 3.83
C SER A 78 -4.01 -22.05 5.20
N TYR A 79 -4.68 -21.47 6.18
CA TYR A 79 -4.82 -22.04 7.53
C TYR A 79 -6.27 -22.38 7.74
N PHE A 80 -6.52 -23.51 8.36
CA PHE A 80 -7.86 -23.98 8.58
C PHE A 80 -7.89 -25.00 9.72
N LEU A 81 -9.09 -25.33 10.17
CA LEU A 81 -9.27 -26.24 11.30
C LEU A 81 -9.21 -27.69 10.82
N SER A 82 -8.54 -28.54 11.59
CA SER A 82 -8.51 -29.97 11.31
C SER A 82 -9.92 -30.57 11.39
N ASP A 83 -10.12 -31.70 10.74
CA ASP A 83 -11.40 -32.39 10.77
C ASP A 83 -11.86 -32.61 12.22
N ASP A 84 -10.92 -32.89 13.13
CA ASP A 84 -11.26 -33.16 14.52
C ASP A 84 -11.20 -31.95 15.46
N GLY A 85 -10.96 -30.76 14.92
CA GLY A 85 -11.02 -29.53 15.72
C GLY A 85 -9.87 -29.25 16.67
N GLU A 86 -8.87 -30.13 16.70
CA GLU A 86 -7.80 -30.01 17.69
C GLU A 86 -6.57 -29.28 17.16
N SER A 87 -6.52 -29.04 15.85
CA SER A 87 -5.32 -28.42 15.28
C SER A 87 -5.66 -27.40 14.23
N ILE A 88 -4.77 -26.41 14.05
CA ILE A 88 -4.83 -25.55 12.86
C ILE A 88 -3.81 -26.13 11.88
N LEU A 89 -4.31 -26.60 10.74
CA LEU A 89 -3.50 -27.17 9.66
C LEU A 89 -3.22 -26.15 8.55
N GLU A 90 -2.42 -26.54 7.56
CA GLU A 90 -1.91 -25.64 6.53
C GLU A 90 -1.91 -26.31 5.18
N LEU A 91 -2.21 -25.52 4.17
CA LEU A 91 -2.06 -25.91 2.76
C LEU A 91 -1.45 -24.75 2.02
N ASN A 92 -1.14 -24.96 0.76
CA ASN A 92 -0.63 -23.87 -0.04
C ASN A 92 -1.71 -22.76 -0.15
N LYS A 93 -1.27 -21.53 -0.42
CA LYS A 93 -2.15 -20.37 -0.52
C LYS A 93 -3.42 -20.65 -1.31
N TYR A 94 -4.56 -20.44 -0.67
CA TYR A 94 -5.91 -20.55 -1.26
C TYR A 94 -6.44 -21.98 -1.52
N ARG A 95 -5.66 -23.00 -1.12
CA ARG A 95 -6.15 -24.36 -1.19
C ARG A 95 -6.96 -24.67 0.06
N ILE A 96 -7.82 -25.67 -0.03
CA ILE A 96 -8.70 -26.08 1.07
C ILE A 96 -8.66 -27.58 1.32
N PRO A 97 -9.03 -27.99 2.55
CA PRO A 97 -9.05 -29.42 2.87
C PRO A 97 -10.13 -30.18 2.12
N GLU A 98 -9.94 -31.49 2.05
CA GLU A 98 -10.82 -32.38 1.31
C GLU A 98 -12.28 -32.18 1.75
N ARG A 99 -12.51 -32.00 3.04
CA ARG A 99 -13.88 -31.97 3.57
C ARG A 99 -14.73 -30.81 3.09
N LEU A 100 -14.08 -29.78 2.55
CA LEU A 100 -14.77 -28.59 2.09
C LEU A 100 -14.97 -28.54 0.56
N LYS A 101 -14.56 -29.59 -0.17
CA LYS A 101 -14.51 -29.48 -1.63
C LYS A 101 -15.86 -29.68 -2.28
N ASN A 102 -16.85 -30.09 -1.51
CA ASN A 102 -18.17 -30.31 -2.07
C ASN A 102 -19.18 -29.22 -1.71
N LYS A 103 -18.72 -28.14 -1.07
CA LYS A 103 -19.60 -26.99 -0.85
C LYS A 103 -20.02 -26.43 -2.21
N GLU A 104 -21.20 -25.85 -2.28
CA GLU A 104 -21.75 -25.38 -3.55
C GLU A 104 -21.70 -23.88 -3.66
N LYS A 105 -21.18 -23.22 -2.62
CA LYS A 105 -20.96 -21.79 -2.68
C LYS A 105 -19.58 -21.42 -2.13
N VAL A 106 -18.97 -20.38 -2.71
CA VAL A 106 -17.76 -19.75 -2.18
C VAL A 106 -18.08 -18.31 -1.76
N LYS A 107 -17.72 -17.97 -0.52
CA LYS A 107 -17.68 -16.59 -0.05
C LYS A 107 -16.21 -16.23 0.11
N VAL A 108 -15.75 -15.18 -0.57
CA VAL A 108 -14.35 -14.74 -0.40
C VAL A 108 -14.41 -13.32 0.12
N THR A 109 -13.96 -13.14 1.35
CA THR A 109 -13.94 -11.81 1.99
C THR A 109 -12.53 -11.28 1.95
N PHE A 110 -12.39 -10.11 1.38
CA PHE A 110 -11.16 -9.35 1.42
C PHE A 110 -11.28 -8.36 2.54
N ILE A 111 -10.45 -8.51 3.56
CA ILE A 111 -10.42 -7.54 4.65
C ILE A 111 -9.51 -6.41 4.31
N GLY A 112 -10.06 -5.20 4.25
CA GLY A 112 -9.27 -4.07 3.88
C GLY A 112 -9.70 -2.86 4.63
N HIS A 113 -8.87 -1.85 4.56
CA HIS A 113 -9.33 -0.51 4.96
C HIS A 113 -9.90 0.24 3.74
N GLY A 114 -11.03 0.91 3.93
CA GLY A 114 -11.50 1.90 2.97
C GLY A 114 -10.87 3.23 3.39
N LYS A 115 -11.43 4.35 2.91
CA LYS A 115 -10.90 5.66 3.29
C LYS A 115 -11.86 6.37 4.26
N ASP A 116 -11.45 7.53 4.76
CA ASP A 116 -12.31 8.29 5.66
C ASP A 116 -13.58 8.72 4.93
N GLU A 117 -13.52 8.77 3.60
CA GLU A 117 -14.69 9.11 2.80
C GLU A 117 -14.89 8.11 1.66
N PHE A 118 -16.11 8.09 1.14
CA PHE A 118 -16.49 7.29 -0.03
C PHE A 118 -15.45 7.50 -1.09
N ASN A 119 -15.07 6.43 -1.79
CA ASN A 119 -14.16 6.58 -2.91
C ASN A 119 -14.46 5.47 -3.91
N THR A 120 -14.04 5.70 -5.15
CA THR A 120 -14.38 4.78 -6.21
C THR A 120 -13.14 4.17 -6.84
N SER A 121 -11.95 4.52 -6.34
CA SER A 121 -10.69 4.17 -6.99
C SER A 121 -9.93 3.01 -6.34
N GLU A 122 -9.96 2.93 -5.01
CA GLU A 122 -9.11 1.95 -4.33
C GLU A 122 -9.83 1.26 -3.19
N PHE A 123 -9.47 0.00 -2.98
CA PHE A 123 -9.83 -0.74 -1.78
C PHE A 123 -8.56 -1.31 -1.15
N ALA A 124 -8.26 -1.02 0.12
CA ALA A 124 -7.01 -1.49 0.70
C ALA A 124 -5.83 -0.99 -0.13
N ARG A 125 -5.99 0.21 -0.69
CA ARG A 125 -4.98 0.87 -1.54
C ARG A 125 -4.76 0.16 -2.88
N LEU A 126 -5.69 -0.73 -3.25
CA LEU A 126 -5.60 -1.46 -4.50
C LEU A 126 -6.60 -0.97 -5.53
N SER A 127 -6.11 -0.63 -6.71
CA SER A 127 -7.00 -0.31 -7.83
C SER A 127 -7.88 -1.49 -8.22
N VAL A 128 -8.90 -1.23 -9.02
CA VAL A 128 -9.75 -2.30 -9.55
C VAL A 128 -8.89 -3.30 -10.29
N ASP A 129 -7.96 -2.79 -11.12
CA ASP A 129 -7.10 -3.69 -11.91
C ASP A 129 -6.26 -4.58 -10.99
N SER A 130 -5.65 -3.98 -9.97
CA SER A 130 -4.83 -4.75 -9.07
C SER A 130 -5.59 -5.87 -8.35
N LEU A 131 -6.73 -5.52 -7.78
CA LEU A 131 -7.52 -6.50 -7.03
C LEU A 131 -8.08 -7.53 -8.01
N SER A 132 -8.50 -7.10 -9.21
CA SER A 132 -8.96 -8.05 -10.22
CA SER A 132 -8.95 -8.05 -10.22
C SER A 132 -7.88 -9.08 -10.53
N ASN A 133 -6.65 -8.62 -10.68
CA ASN A 133 -5.56 -9.54 -11.00
C ASN A 133 -5.32 -10.55 -9.87
N GLU A 134 -5.42 -10.10 -8.63
CA GLU A 134 -5.31 -11.05 -7.51
C GLU A 134 -6.45 -12.03 -7.50
N ILE A 135 -7.65 -11.56 -7.84
CA ILE A 135 -8.79 -12.44 -7.90
C ILE A 135 -8.63 -13.50 -9.01
N SER A 136 -8.02 -13.11 -10.12
CA SER A 136 -7.73 -14.05 -11.22
CA SER A 136 -7.72 -14.06 -11.20
C SER A 136 -6.81 -15.17 -10.71
N SER A 137 -5.80 -14.80 -9.92
CA SER A 137 -4.87 -15.80 -9.35
C SER A 137 -5.60 -16.73 -8.36
N PHE A 138 -6.42 -16.12 -7.50
CA PHE A 138 -7.29 -16.83 -6.59
C PHE A 138 -8.19 -17.86 -7.31
N LEU A 139 -8.88 -17.42 -8.36
CA LEU A 139 -9.79 -18.29 -9.10
C LEU A 139 -9.04 -19.45 -9.73
N ASP A 140 -7.87 -19.17 -10.33
CA ASP A 140 -7.07 -20.24 -10.94
C ASP A 140 -6.61 -21.27 -9.92
N THR A 141 -6.50 -20.86 -8.67
CA THR A 141 -6.09 -21.75 -7.61
C THR A 141 -7.29 -22.53 -7.07
N ILE A 142 -8.40 -21.85 -6.72
CA ILE A 142 -9.49 -22.61 -6.07
C ILE A 142 -10.15 -23.62 -7.01
N LYS A 143 -10.06 -23.40 -8.31
CA LYS A 143 -10.65 -24.35 -9.26
C LYS A 143 -9.99 -25.73 -9.16
N LEU A 144 -8.82 -25.80 -8.53
CA LEU A 144 -8.14 -27.08 -8.35
C LEU A 144 -8.88 -27.91 -7.29
N ASP A 145 -9.68 -27.23 -6.46
CA ASP A 145 -10.37 -27.84 -5.32
C ASP A 145 -11.90 -27.93 -5.43
N ILE A 146 -12.53 -26.90 -6.00
CA ILE A 146 -13.96 -26.72 -5.87
C ILE A 146 -14.58 -26.17 -7.15
N SER A 147 -15.83 -26.58 -7.39
CA SER A 147 -16.62 -26.13 -8.54
C SER A 147 -18.01 -25.74 -8.01
N PRO A 148 -18.12 -24.52 -7.47
CA PRO A 148 -19.37 -24.03 -6.86
C PRO A 148 -20.39 -23.59 -7.89
N LYS A 149 -21.60 -23.29 -7.41
CA LYS A 149 -22.67 -22.74 -8.25
C LYS A 149 -22.87 -21.25 -8.00
N ASN A 150 -22.30 -20.76 -6.91
CA ASN A 150 -22.49 -19.39 -6.47
CA ASN A 150 -22.49 -19.39 -6.47
C ASN A 150 -21.22 -18.85 -5.82
N VAL A 151 -20.92 -17.57 -6.10
CA VAL A 151 -19.76 -16.87 -5.58
C VAL A 151 -20.14 -15.50 -5.08
N GLU A 152 -19.65 -15.16 -3.91
CA GLU A 152 -19.76 -13.81 -3.40
C GLU A 152 -18.34 -13.32 -3.13
N VAL A 153 -17.99 -12.16 -3.70
CA VAL A 153 -16.72 -11.50 -3.37
C VAL A 153 -17.10 -10.33 -2.47
N ASN A 154 -16.67 -10.41 -1.22
CA ASN A 154 -17.11 -9.55 -0.17
C ASN A 154 -15.99 -8.59 0.17
N LEU A 155 -16.24 -7.31 -0.02
CA LEU A 155 -15.25 -6.30 0.29
C LEU A 155 -15.57 -5.75 1.67
N LEU A 156 -14.84 -6.21 2.66
CA LEU A 156 -15.12 -5.78 4.04
C LEU A 156 -14.25 -4.58 4.34
N GLY A 157 -14.83 -3.39 4.29
CA GLY A 157 -14.08 -2.17 4.54
C GLY A 157 -14.89 -0.93 4.23
N CYS A 158 -14.56 0.16 4.90
CA CYS A 158 -15.43 1.32 4.97
C CYS A 158 -15.68 2.02 3.66
N ASN A 159 -16.90 2.56 3.54
CA ASN A 159 -17.16 3.58 2.56
C ASN A 159 -16.83 3.21 1.12
N MET A 160 -17.26 2.03 0.69
CA MET A 160 -16.93 1.58 -0.65
C MET A 160 -18.13 1.58 -1.57
N PHE A 161 -19.29 1.98 -1.07
CA PHE A 161 -20.49 2.03 -1.92
C PHE A 161 -21.37 3.22 -1.54
N SER A 162 -22.02 3.81 -2.56
CA SER A 162 -22.98 4.90 -2.39
C SER A 162 -24.03 4.75 -3.47
N TYR A 163 -25.28 5.03 -3.10
CA TYR A 163 -26.37 5.01 -4.04
C TYR A 163 -26.49 6.35 -4.80
N ASP A 164 -25.62 7.31 -4.50
CA ASP A 164 -25.66 8.62 -5.18
C ASP A 164 -24.95 8.62 -6.54
N PHE A 165 -24.25 7.53 -6.87
CA PHE A 165 -23.59 7.39 -8.16
C PHE A 165 -24.21 6.23 -8.89
N ASN A 166 -24.01 6.16 -10.20
CA ASN A 166 -24.42 4.99 -10.99
C ASN A 166 -23.61 3.81 -10.47
N VAL A 167 -24.24 2.64 -10.39
CA VAL A 167 -23.56 1.48 -9.86
C VAL A 167 -22.27 1.22 -10.66
N GLU A 168 -22.29 1.47 -11.97
CA GLU A 168 -21.12 1.19 -12.80
C GLU A 168 -19.92 2.12 -12.58
N GLU A 169 -20.10 3.19 -11.82
CA GLU A 169 -19.01 4.10 -11.49
C GLU A 169 -18.44 3.79 -10.11
N THR A 170 -19.09 2.90 -9.36
CA THR A 170 -18.56 2.53 -8.05
C THR A 170 -17.49 1.45 -8.17
N TYR A 171 -16.68 1.33 -7.13
CA TYR A 171 -15.59 0.35 -7.14
C TYR A 171 -16.14 -1.08 -7.25
N PRO A 172 -17.14 -1.44 -6.44
CA PRO A 172 -17.64 -2.82 -6.60
C PRO A 172 -18.26 -3.07 -7.98
N GLY A 173 -18.90 -2.07 -8.59
CA GLY A 173 -19.47 -2.23 -9.94
C GLY A 173 -18.37 -2.47 -10.95
N LYS A 174 -17.33 -1.64 -10.90
CA LYS A 174 -16.20 -1.78 -11.78
C LYS A 174 -15.49 -3.12 -11.56
N LEU A 175 -15.34 -3.53 -10.31
CA LEU A 175 -14.70 -4.79 -9.99
C LEU A 175 -15.51 -5.95 -10.60
N LEU A 176 -16.84 -5.90 -10.49
CA LEU A 176 -17.66 -6.99 -11.02
C LEU A 176 -17.50 -7.10 -12.52
N LEU A 177 -17.56 -5.99 -13.23
CA LEU A 177 -17.38 -6.07 -14.68
C LEU A 177 -16.02 -6.62 -15.03
N SER A 178 -15.02 -6.30 -14.22
CA SER A 178 -13.65 -6.69 -14.50
C SER A 178 -13.44 -8.19 -14.29
N ILE A 179 -14.13 -8.79 -13.31
CA ILE A 179 -13.85 -10.18 -12.95
C ILE A 179 -14.89 -11.22 -13.42
N MET A 180 -16.05 -10.80 -13.90
CA MET A 180 -17.15 -11.77 -14.03
C MET A 180 -16.87 -12.85 -15.07
N ASP A 181 -16.21 -12.49 -16.16
CA ASP A 181 -15.92 -13.47 -17.21
C ASP A 181 -14.87 -14.46 -16.70
N LYS A 182 -13.92 -14.00 -15.89
CA LYS A 182 -12.92 -14.91 -15.32
C LYS A 182 -13.62 -15.88 -14.35
N ILE A 183 -14.59 -15.40 -13.59
CA ILE A 183 -15.33 -16.29 -12.70
C ILE A 183 -16.04 -17.39 -13.50
N THR A 184 -16.84 -17.02 -14.50
CA THR A 184 -17.61 -18.01 -15.22
C THR A 184 -16.72 -18.92 -16.06
N SER A 185 -15.56 -18.43 -16.49
CA SER A 185 -14.64 -19.24 -17.28
C SER A 185 -13.97 -20.31 -16.42
N THR A 186 -13.61 -19.95 -15.20
CA THR A 186 -12.83 -20.83 -14.33
C THR A 186 -13.68 -21.78 -13.49
N LEU A 187 -14.88 -21.32 -13.17
CA LEU A 187 -15.81 -22.03 -12.30
C LEU A 187 -17.06 -22.26 -13.16
N PRO A 188 -17.07 -23.35 -13.93
CA PRO A 188 -18.00 -23.48 -15.06
C PRO A 188 -19.47 -23.61 -14.68
N ASP A 189 -19.76 -23.93 -13.43
CA ASP A 189 -21.14 -24.01 -12.97
C ASP A 189 -21.64 -22.73 -12.31
N VAL A 190 -20.83 -21.66 -12.38
CA VAL A 190 -21.25 -20.34 -11.90
C VAL A 190 -21.70 -19.50 -13.09
N ASN A 191 -22.95 -19.09 -13.10
CA ASN A 191 -23.45 -18.21 -14.16
CA ASN A 191 -23.45 -18.21 -14.16
C ASN A 191 -23.45 -16.76 -13.68
N LYS A 192 -23.67 -15.83 -14.59
CA LYS A 192 -23.58 -14.40 -14.24
C LYS A 192 -24.56 -14.00 -13.16
N ASN A 193 -25.69 -14.68 -13.07
CA ASN A 193 -26.70 -14.29 -12.10
CA ASN A 193 -26.70 -14.31 -12.09
C ASN A 193 -26.48 -14.94 -10.73
N SER A 194 -25.30 -15.52 -10.54
CA SER A 194 -24.98 -16.15 -9.27
C SER A 194 -23.66 -15.60 -8.72
N ILE A 195 -23.29 -14.40 -9.17
CA ILE A 195 -22.11 -13.70 -8.68
C ILE A 195 -22.60 -12.40 -8.07
N THR A 196 -22.10 -12.11 -6.87
CA THR A 196 -22.38 -10.86 -6.18
CA THR A 196 -22.38 -10.87 -6.18
C THR A 196 -21.11 -10.29 -5.58
N ILE A 197 -21.04 -8.96 -5.55
CA ILE A 197 -20.04 -8.25 -4.77
C ILE A 197 -20.74 -7.67 -3.56
N GLY A 198 -20.20 -7.97 -2.38
CA GLY A 198 -20.65 -7.33 -1.15
C GLY A 198 -19.85 -6.08 -0.86
N ALA A 199 -20.52 -4.98 -0.50
CA ALA A 199 -19.80 -3.73 -0.14
C ALA A 199 -20.56 -2.94 0.92
N ASN A 200 -19.80 -2.13 1.66
CA ASN A 200 -20.33 -1.30 2.75
C ASN A 200 -20.48 0.16 2.40
N GLN A 201 -21.59 0.76 2.79
CA GLN A 201 -21.80 2.20 2.67
C GLN A 201 -21.20 2.96 3.85
N TYR A 202 -21.13 2.30 4.98
CA TYR A 202 -20.72 2.93 6.23
C TYR A 202 -19.42 2.34 6.74
N GLU A 203 -18.84 2.95 7.77
CA GLU A 203 -17.70 2.33 8.43
C GLU A 203 -18.14 1.02 9.10
N VAL A 204 -17.29 0.01 9.01
CA VAL A 204 -17.57 -1.27 9.62
C VAL A 204 -16.32 -1.78 10.33
N ARG A 205 -16.52 -2.69 11.29
CA ARG A 205 -15.40 -3.35 11.97
C ARG A 205 -15.85 -4.73 12.36
N ILE A 206 -14.89 -5.60 12.69
CA ILE A 206 -15.19 -6.88 13.28
C ILE A 206 -14.93 -6.74 14.77
N ASN A 207 -15.94 -7.04 15.57
CA ASN A 207 -15.76 -6.91 17.03
C ASN A 207 -14.99 -8.09 17.61
N SER A 208 -14.73 -8.06 18.92
CA SER A 208 -13.82 -8.99 19.52
C SER A 208 -14.42 -10.39 19.54
N GLU A 209 -15.72 -10.50 19.25
CA GLU A 209 -16.38 -11.81 19.12
C GLU A 209 -16.57 -12.26 17.68
N GLY A 210 -16.00 -11.53 16.75
CA GLY A 210 -16.06 -11.95 15.35
C GLY A 210 -17.31 -11.51 14.65
N ARG A 211 -18.04 -10.56 15.22
CA ARG A 211 -19.26 -10.04 14.57
C ARG A 211 -19.04 -8.68 13.92
N LYS A 212 -19.63 -8.50 12.74
CA LYS A 212 -19.51 -7.21 12.07
C LYS A 212 -20.39 -6.17 12.73
N GLU A 213 -19.83 -5.00 13.00
CA GLU A 213 -20.62 -3.87 13.50
C GLU A 213 -20.48 -2.73 12.53
N LEU A 214 -21.53 -1.92 12.45
CA LEU A 214 -21.52 -0.72 11.61
C LEU A 214 -21.59 0.53 12.47
N LEU A 215 -20.92 1.59 12.02
CA LEU A 215 -20.97 2.88 12.72
C LEU A 215 -22.22 3.64 12.28
N ALA A 216 -23.19 3.71 13.18
CA ALA A 216 -24.42 4.43 12.90
C ALA A 216 -24.19 5.93 12.89
N HIS A 217 -25.20 6.69 12.40
CA HIS A 217 -25.16 8.15 12.37
C HIS A 217 -25.01 8.82 13.73
N SER A 218 -25.42 8.12 14.79
CA SER A 218 -25.29 8.59 16.14
C SER A 218 -23.87 8.45 16.73
N GLY A 219 -23.00 7.80 15.98
CA GLY A 219 -21.67 7.47 16.48
C GLY A 219 -21.59 6.20 17.30
N LYS A 220 -22.69 5.47 17.38
CA LYS A 220 -22.72 4.16 18.05
C LYS A 220 -22.46 3.02 17.08
N TRP A 221 -21.60 2.09 17.50
CA TRP A 221 -21.34 0.90 16.74
C TRP A 221 -22.42 -0.14 17.05
N ILE A 222 -23.02 -0.69 16.01
CA ILE A 222 -24.19 -1.55 16.20
C ILE A 222 -24.09 -2.85 15.44
N ASN A 223 -24.63 -3.89 16.04
CA ASN A 223 -24.57 -5.21 15.42
C ASN A 223 -25.69 -5.45 14.43
N LYS A 224 -25.75 -6.66 13.90
CA LYS A 224 -26.64 -7.00 12.82
C LYS A 224 -28.11 -6.72 13.16
N GLU A 225 -28.49 -7.14 14.35
CA GLU A 225 -29.88 -7.07 14.77
C GLU A 225 -30.25 -5.63 15.01
N GLU A 226 -29.33 -4.88 15.60
CA GLU A 226 -29.60 -3.50 15.91
C GLU A 226 -29.65 -2.66 14.65
N ALA A 227 -28.85 -3.04 13.65
CA ALA A 227 -28.90 -2.29 12.39
C ALA A 227 -30.24 -2.48 11.73
N ILE A 228 -30.71 -3.72 11.68
CA ILE A 228 -32.01 -3.96 11.09
C ILE A 228 -33.11 -3.16 11.81
N MET A 229 -33.10 -3.17 13.15
CA MET A 229 -34.12 -2.40 13.89
C MET A 229 -34.00 -0.92 13.62
N SER A 230 -32.79 -0.46 13.32
CA SER A 230 -32.55 0.95 13.10
C SER A 230 -32.80 1.37 11.65
N ASP A 231 -33.21 0.43 10.80
CA ASP A 231 -33.37 0.69 9.36
C ASP A 231 -32.06 1.21 8.74
N LEU A 232 -30.94 0.60 9.11
CA LEU A 232 -29.64 0.95 8.56
C LEU A 232 -29.03 -0.26 7.88
N SER A 233 -28.64 -0.08 6.63
CA SER A 233 -28.10 -1.19 5.81
C SER A 233 -26.60 -1.33 5.96
N SER A 234 -26.18 -2.49 6.41
CA SER A 234 -24.76 -2.70 6.70
C SER A 234 -23.99 -3.24 5.51
N LYS A 235 -24.71 -3.76 4.51
CA LYS A 235 -24.10 -4.39 3.36
C LYS A 235 -25.03 -4.30 2.15
N GLU A 236 -24.45 -3.93 1.03
CA GLU A 236 -25.12 -3.89 -0.25
C GLU A 236 -24.59 -5.01 -1.13
N TYR A 237 -25.45 -5.50 -2.01
CA TYR A 237 -25.08 -6.47 -2.99
C TYR A 237 -25.05 -5.78 -4.34
N ILE A 238 -23.96 -5.95 -5.06
CA ILE A 238 -23.83 -5.44 -6.42
C ILE A 238 -23.77 -6.64 -7.31
N PHE A 239 -24.55 -6.59 -8.38
CA PHE A 239 -24.71 -7.76 -9.24
C PHE A 239 -25.01 -7.33 -10.67
N PHE A 240 -24.91 -8.28 -11.57
CA PHE A 240 -25.15 -8.05 -13.00
C PHE A 240 -26.43 -8.75 -13.37
N ASP A 241 -27.36 -8.01 -13.97
CA ASP A 241 -28.62 -8.57 -14.41
C ASP A 241 -28.53 -8.80 -15.93
N SER A 242 -28.43 -10.04 -16.39
CA SER A 242 -28.37 -10.47 -17.78
CA SER A 242 -28.37 -10.47 -17.78
C SER A 242 -29.64 -10.11 -18.56
N ILE A 243 -30.76 -9.89 -17.87
CA ILE A 243 -32.02 -9.63 -18.55
C ILE A 243 -31.94 -8.29 -19.29
N ASP A 244 -31.30 -7.31 -18.66
CA ASP A 244 -31.06 -6.06 -19.38
C ASP A 244 -29.60 -5.65 -19.49
N ASN A 245 -28.70 -6.56 -19.12
CA ASN A 245 -27.25 -6.35 -19.19
C ASN A 245 -26.80 -5.11 -18.46
N LYS A 246 -27.32 -4.94 -17.24
CA LYS A 246 -27.02 -3.78 -16.43
C LYS A 246 -26.58 -4.21 -15.07
N LEU A 247 -25.65 -3.44 -14.51
CA LEU A 247 -25.28 -3.57 -13.12
C LEU A 247 -26.35 -2.98 -12.24
N LYS A 248 -26.59 -3.63 -11.13
CA LYS A 248 -27.55 -3.17 -10.16
C LYS A 248 -27.05 -3.38 -8.75
N ALA A 249 -27.73 -2.75 -7.81
CA ALA A 249 -27.41 -2.89 -6.41
C ALA A 249 -28.65 -2.95 -5.55
N LYS A 250 -28.57 -3.70 -4.46
CA LYS A 250 -29.64 -3.65 -3.49
C LYS A 250 -29.13 -3.96 -2.12
N SER A 251 -29.89 -3.55 -1.12
CA SER A 251 -29.51 -3.82 0.26
C SER A 251 -29.71 -5.29 0.57
N LYS A 252 -28.77 -5.85 1.32
CA LYS A 252 -28.92 -7.21 1.75
C LYS A 252 -30.07 -7.33 2.74
N ASN A 253 -30.05 -6.44 3.75
CA ASN A 253 -30.85 -6.59 4.97
C ASN A 253 -32.06 -5.66 5.07
N ILE A 254 -32.13 -4.62 4.24
CA ILE A 254 -33.20 -3.62 4.37
C ILE A 254 -34.14 -3.69 3.15
N PRO A 255 -35.35 -4.23 3.35
CA PRO A 255 -36.24 -4.63 2.26
C PRO A 255 -36.50 -3.57 1.17
N GLY A 256 -36.36 -2.30 1.48
CA GLY A 256 -36.75 -1.26 0.55
C GLY A 256 -35.67 -0.65 -0.32
N LEU A 257 -34.41 -0.90 0.02
CA LEU A 257 -33.31 -0.12 -0.54
C LEU A 257 -32.63 -0.76 -1.76
N ALA A 258 -32.57 -0.02 -2.88
CA ALA A 258 -32.02 -0.56 -4.15
C ALA A 258 -31.65 0.54 -5.17
N SER A 259 -30.78 0.18 -6.10
CA SER A 259 -30.32 1.08 -7.16
C SER A 259 -31.48 1.48 -8.09
N VAL B 6 9.53 20.49 -22.39
CA VAL B 6 8.99 21.28 -21.29
C VAL B 6 9.88 22.48 -21.01
N ASP B 7 9.62 23.16 -19.89
CA ASP B 7 10.36 24.36 -19.53
C ASP B 7 11.11 24.19 -18.20
N PHE B 8 12.38 23.81 -18.27
CA PHE B 8 13.17 23.56 -17.07
C PHE B 8 13.63 24.86 -16.41
N ASN B 9 13.38 25.99 -17.07
CA ASN B 9 13.73 27.29 -16.52
C ASN B 9 12.51 28.04 -16.01
N LYS B 10 11.39 27.36 -15.87
CA LYS B 10 10.16 28.02 -15.41
C LYS B 10 10.38 28.56 -13.99
N ASN B 11 10.97 27.75 -13.14
CA ASN B 11 11.35 28.17 -11.79
C ASN B 11 10.24 28.86 -10.99
N THR B 12 9.07 28.23 -10.97
CA THR B 12 8.01 28.61 -10.05
C THR B 12 8.48 28.63 -8.59
N ALA B 13 8.38 29.79 -7.94
CA ALA B 13 8.74 29.90 -6.52
C ALA B 13 7.68 29.25 -5.63
N LEU B 14 8.11 28.54 -4.58
CA LEU B 14 7.20 27.86 -3.68
C LEU B 14 6.14 28.83 -3.18
N ASP B 15 4.88 28.41 -3.26
CA ASP B 15 3.79 29.18 -2.67
C ASP B 15 3.35 28.53 -1.37
N LYS B 16 3.56 29.25 -0.29
CA LYS B 16 3.28 28.76 1.04
C LYS B 16 1.79 28.50 1.27
N ASN B 17 0.90 29.31 0.67
CA ASN B 17 -0.52 29.06 0.89
C ASN B 17 -1.06 27.85 0.14
N TYR B 18 -0.47 27.54 -1.00
CA TYR B 18 -0.72 26.28 -1.67
C TYR B 18 -0.45 25.11 -0.71
N LEU B 19 0.67 25.16 0.00
CA LEU B 19 0.95 24.11 0.98
C LEU B 19 -0.03 24.17 2.14
N LEU B 20 -0.17 25.34 2.77
CA LEU B 20 -0.93 25.41 4.02
C LEU B 20 -2.43 25.21 3.83
N ASN B 21 -2.98 25.79 2.77
CA ASN B 21 -4.43 25.84 2.67
C ASN B 21 -5.02 24.68 1.89
N ASN B 22 -4.16 24.01 1.14
CA ASN B 22 -4.57 23.04 0.15
C ASN B 22 -3.86 21.69 0.32
N LYS B 23 -2.57 21.63 0.00
CA LYS B 23 -1.89 20.34 -0.09
C LYS B 23 -1.70 19.67 1.26
N ILE B 24 -1.28 20.41 2.27
CA ILE B 24 -1.12 19.78 3.60
C ILE B 24 -2.43 19.19 4.15
N PRO B 25 -3.51 19.97 4.23
CA PRO B 25 -4.72 19.34 4.77
C PRO B 25 -5.24 18.22 3.87
N SER B 26 -4.97 18.28 2.58
CA SER B 26 -5.40 17.21 1.69
C SER B 26 -4.56 15.92 1.86
N ASN B 27 -3.27 16.06 2.09
CA ASN B 27 -2.34 14.92 1.95
C ASN B 27 -1.76 14.40 3.27
N ASN B 28 -1.83 15.20 4.32
CA ASN B 28 -1.23 14.80 5.58
C ASN B 28 -2.19 13.96 6.41
N ASN B 36 11.47 8.61 12.41
CA ASN B 36 12.80 8.65 12.99
C ASN B 36 13.80 9.40 12.12
N TYR B 37 13.32 10.04 11.06
CA TYR B 37 14.22 10.82 10.21
C TYR B 37 13.72 12.23 9.89
N VAL B 38 14.66 13.07 9.47
CA VAL B 38 14.34 14.32 8.79
C VAL B 38 14.53 14.05 7.30
N HIS B 39 13.59 14.55 6.52
CA HIS B 39 13.58 14.30 5.09
C HIS B 39 13.80 15.59 4.32
N TYR B 40 15.00 15.73 3.77
CA TYR B 40 15.32 16.86 2.90
C TYR B 40 14.91 16.55 1.49
N ILE B 41 13.97 17.35 0.98
CA ILE B 41 13.45 17.16 -0.38
C ILE B 41 14.02 18.25 -1.26
N ILE B 42 14.93 17.84 -2.13
CA ILE B 42 15.71 18.77 -2.95
C ILE B 42 15.26 18.76 -4.41
N GLN B 43 14.61 19.86 -4.81
CA GLN B 43 14.18 20.05 -6.19
C GLN B 43 15.37 20.55 -7.03
N LEU B 44 15.84 19.72 -7.95
CA LEU B 44 17.05 20.05 -8.70
C LEU B 44 16.80 20.83 -9.97
N GLN B 45 15.66 20.53 -10.60
CA GLN B 45 15.31 21.15 -11.88
C GLN B 45 14.13 22.12 -11.74
N GLY B 46 14.05 23.09 -12.65
CA GLY B 46 13.05 24.16 -12.56
C GLY B 46 11.74 23.99 -13.30
N ASP B 47 11.40 22.78 -13.69
CA ASP B 47 10.14 22.50 -14.38
C ASP B 47 9.00 22.31 -13.39
N ASP B 48 7.78 22.50 -13.87
CA ASP B 48 6.61 22.37 -12.98
C ASP B 48 6.29 20.93 -12.53
N ILE B 49 6.73 19.90 -13.26
CA ILE B 49 6.56 18.53 -12.76
C ILE B 49 7.40 18.29 -11.51
N SER B 50 8.64 18.76 -11.54
CA SER B 50 9.53 18.69 -10.38
C SER B 50 8.95 19.51 -9.23
N TYR B 51 8.42 20.68 -9.55
CA TYR B 51 7.87 21.55 -8.50
C TYR B 51 6.70 20.88 -7.80
N GLU B 52 5.75 20.34 -8.57
CA GLU B 52 4.58 19.71 -7.98
C GLU B 52 4.96 18.47 -7.16
N ALA B 53 5.91 17.66 -7.66
CA ALA B 53 6.35 16.49 -6.94
C ALA B 53 6.91 16.89 -5.60
N THR B 54 7.68 17.98 -5.59
CA THR B 54 8.31 18.46 -4.38
C THR B 54 7.24 18.90 -3.36
N CYS B 55 6.26 19.67 -3.83
CA CYS B 55 5.18 20.14 -2.96
C CYS B 55 4.36 18.96 -2.43
N ASN B 56 4.02 18.03 -3.31
CA ASN B 56 3.15 16.93 -2.91
C ASN B 56 3.85 16.00 -1.92
N LEU B 57 5.11 15.66 -2.19
CA LEU B 57 5.85 14.80 -1.29
C LEU B 57 5.99 15.43 0.10
N PHE B 58 6.35 16.70 0.13
CA PHE B 58 6.41 17.43 1.40
C PHE B 58 5.08 17.38 2.14
N SER B 59 3.99 17.61 1.40
CA SER B 59 2.69 17.79 2.04
C SER B 59 2.14 16.54 2.72
N LYS B 60 2.68 15.38 2.36
CA LYS B 60 2.26 14.13 2.96
C LYS B 60 2.82 13.93 4.38
N ASN B 61 4.00 14.50 4.65
CA ASN B 61 4.64 14.39 5.96
CA ASN B 61 4.64 14.37 5.96
C ASN B 61 5.31 15.70 6.27
N PRO B 62 4.51 16.74 6.43
CA PRO B 62 5.10 18.08 6.52
C PRO B 62 5.93 18.34 7.79
N LYS B 63 5.67 17.61 8.88
CA LYS B 63 6.28 17.94 10.17
C LYS B 63 7.77 17.62 10.15
N ASN B 64 8.14 16.57 9.42
CA ASN B 64 9.52 16.11 9.43
CA ASN B 64 9.52 16.11 9.43
C ASN B 64 10.25 16.31 8.12
N SER B 65 9.70 17.15 7.25
CA SER B 65 10.27 17.37 5.90
C SER B 65 10.75 18.82 5.66
N ILE B 66 11.67 18.97 4.74
CA ILE B 66 12.23 20.26 4.37
C ILE B 66 12.17 20.34 2.85
N ILE B 67 11.78 21.50 2.31
CA ILE B 67 11.88 21.70 0.88
C ILE B 67 13.05 22.63 0.59
N ILE B 68 13.89 22.24 -0.36
CA ILE B 68 14.88 23.16 -0.90
C ILE B 68 14.73 23.18 -2.41
N GLN B 69 14.44 24.35 -2.97
CA GLN B 69 14.40 24.55 -4.41
C GLN B 69 15.80 24.94 -4.87
N ARG B 70 16.64 23.92 -5.04
CA ARG B 70 18.00 24.13 -5.47
C ARG B 70 18.12 24.77 -6.84
N ASN B 71 17.07 24.63 -7.64
CA ASN B 71 16.98 25.29 -8.95
C ASN B 71 17.03 26.83 -8.88
N MET B 72 16.80 27.38 -7.68
CA MET B 72 16.85 28.83 -7.43
C MET B 72 18.27 29.35 -7.16
N ASN B 73 19.24 28.44 -7.12
CA ASN B 73 20.64 28.82 -6.97
C ASN B 73 20.91 29.74 -5.77
N GLU B 74 21.41 30.94 -6.02
CA GLU B 74 21.78 31.83 -4.92
CA GLU B 74 21.77 31.86 -4.94
C GLU B 74 20.58 32.20 -4.04
N SER B 75 19.37 32.03 -4.56
CA SER B 75 18.16 32.27 -3.77
C SER B 75 17.54 30.99 -3.16
N ALA B 76 18.23 29.86 -3.26
CA ALA B 76 17.72 28.63 -2.65
C ALA B 76 17.71 28.76 -1.13
N LYS B 77 16.69 28.19 -0.51
CA LYS B 77 16.56 28.22 0.95
C LYS B 77 15.76 27.00 1.46
N SER B 78 15.87 26.74 2.76
CA SER B 78 15.03 25.74 3.39
C SER B 78 13.66 26.26 3.78
N TYR B 79 12.61 25.54 3.36
CA TYR B 79 11.26 25.81 3.81
C TYR B 79 10.76 24.63 4.63
N PHE B 80 10.09 24.92 5.74
CA PHE B 80 9.56 23.87 6.58
C PHE B 80 8.40 24.40 7.40
N LEU B 81 7.69 23.49 8.04
CA LEU B 81 6.48 23.82 8.78
C LEU B 81 6.86 24.35 10.15
N SER B 82 6.16 25.39 10.60
CA SER B 82 6.38 25.92 11.93
C SER B 82 5.95 24.90 12.95
N ASP B 83 6.41 25.06 14.20
CA ASP B 83 6.00 24.18 15.27
C ASP B 83 4.49 24.14 15.42
N ASP B 84 3.82 25.28 15.25
CA ASP B 84 2.39 25.34 15.49
C ASP B 84 1.59 24.97 14.25
N GLY B 85 2.28 24.65 13.15
CA GLY B 85 1.63 24.15 11.96
C GLY B 85 0.91 25.19 11.12
N GLU B 86 0.98 26.47 11.51
CA GLU B 86 0.20 27.47 10.81
C GLU B 86 1.01 28.28 9.79
N SER B 87 2.32 28.07 9.75
CA SER B 87 3.20 28.85 8.89
C SER B 87 4.23 27.95 8.23
N ILE B 88 4.68 28.35 7.05
CA ILE B 88 5.86 27.79 6.43
C ILE B 88 6.97 28.80 6.65
N LEU B 89 7.97 28.41 7.43
CA LEU B 89 9.12 29.25 7.73
C LEU B 89 10.33 28.97 6.84
N GLU B 90 11.30 29.88 6.90
CA GLU B 90 12.50 29.79 6.10
C GLU B 90 13.76 29.79 6.94
N LEU B 91 14.75 29.02 6.51
CA LEU B 91 16.12 29.15 7.00
C LEU B 91 17.05 29.14 5.80
N ASN B 92 18.34 29.36 6.02
CA ASN B 92 19.33 29.23 4.97
C ASN B 92 19.31 27.80 4.38
N LYS B 93 19.73 27.70 3.12
CA LYS B 93 19.73 26.44 2.38
C LYS B 93 20.30 25.27 3.17
N TYR B 94 19.49 24.21 3.26
CA TYR B 94 19.84 22.96 3.94
C TYR B 94 19.90 23.04 5.46
N ARG B 95 19.44 24.13 6.04
CA ARG B 95 19.37 24.22 7.49
C ARG B 95 17.96 23.80 7.96
N ILE B 96 17.87 23.34 9.20
CA ILE B 96 16.60 22.82 9.71
C ILE B 96 16.22 23.41 11.06
N PRO B 97 14.93 23.33 11.40
CA PRO B 97 14.53 23.85 12.71
C PRO B 97 14.98 22.97 13.86
N GLU B 98 15.11 23.61 15.01
CA GLU B 98 15.55 22.96 16.23
C GLU B 98 14.87 21.60 16.48
N ARG B 99 13.57 21.53 16.27
CA ARG B 99 12.81 20.33 16.63
C ARG B 99 13.22 19.09 15.83
N LEU B 100 13.94 19.27 14.73
CA LEU B 100 14.34 18.13 13.89
C LEU B 100 15.81 17.73 14.03
N LYS B 101 16.55 18.41 14.91
CA LYS B 101 18.00 18.23 14.99
C LYS B 101 18.49 16.95 15.68
N ASN B 102 17.58 16.21 16.31
CA ASN B 102 17.97 15.00 17.04
C ASN B 102 17.43 13.73 16.40
N LYS B 103 16.95 13.85 15.15
CA LYS B 103 16.54 12.65 14.43
C LYS B 103 17.73 11.75 14.18
N GLU B 104 17.49 10.45 14.21
CA GLU B 104 18.56 9.46 14.08
C GLU B 104 19.00 9.29 12.65
N LYS B 105 18.13 9.63 11.71
CA LYS B 105 18.40 9.32 10.33
C LYS B 105 18.10 10.54 9.48
N VAL B 106 18.93 10.71 8.47
CA VAL B 106 18.69 11.70 7.44
C VAL B 106 18.29 10.98 6.15
N LYS B 107 17.16 11.36 5.55
CA LYS B 107 16.77 10.89 4.23
C LYS B 107 16.89 12.13 3.35
N VAL B 108 17.65 12.06 2.27
CA VAL B 108 17.74 13.17 1.34
C VAL B 108 17.31 12.70 -0.03
N THR B 109 16.24 13.29 -0.55
CA THR B 109 15.70 12.89 -1.82
C THR B 109 15.95 13.98 -2.84
N PHE B 110 16.62 13.63 -3.93
CA PHE B 110 16.83 14.54 -5.04
C PHE B 110 15.76 14.24 -6.08
N ILE B 111 14.98 15.25 -6.42
CA ILE B 111 13.92 15.13 -7.41
C ILE B 111 14.45 15.60 -8.74
N GLY B 112 14.33 14.76 -9.77
CA GLY B 112 14.75 15.17 -11.09
C GLY B 112 14.08 14.41 -12.22
N HIS B 113 14.85 14.24 -13.30
CA HIS B 113 14.46 13.42 -14.44
C HIS B 113 15.64 12.49 -14.74
N ASN B 119 20.24 4.86 -18.13
CA ASN B 119 21.27 5.89 -18.10
C ASN B 119 22.20 5.72 -16.89
N THR B 120 23.50 5.66 -17.16
CA THR B 120 24.49 5.47 -16.09
C THR B 120 25.42 6.66 -15.98
N SER B 121 25.05 7.78 -16.62
CA SER B 121 25.93 8.93 -16.70
C SER B 121 25.38 10.17 -15.98
N GLU B 122 24.07 10.38 -16.05
CA GLU B 122 23.44 11.60 -15.53
C GLU B 122 22.08 11.38 -14.86
N PHE B 123 21.85 12.12 -13.78
CA PHE B 123 20.54 12.17 -13.15
C PHE B 123 20.15 13.62 -13.04
N ALA B 124 18.95 13.99 -13.49
CA ALA B 124 18.54 15.39 -13.49
C ALA B 124 19.56 16.26 -14.19
N ARG B 125 20.22 15.68 -15.19
CA ARG B 125 21.20 16.35 -16.05
C ARG B 125 22.52 16.63 -15.33
N LEU B 126 22.73 15.97 -14.19
CA LEU B 126 23.95 16.16 -13.44
C LEU B 126 24.81 14.92 -13.52
N SER B 127 26.12 15.14 -13.64
CA SER B 127 27.05 14.03 -13.67
C SER B 127 27.22 13.53 -12.24
N VAL B 128 27.84 12.37 -12.10
CA VAL B 128 28.20 11.85 -10.80
C VAL B 128 29.02 12.85 -10.03
N ASP B 129 29.92 13.55 -10.73
CA ASP B 129 30.79 14.52 -10.07
C ASP B 129 30.04 15.76 -9.64
N SER B 130 29.12 16.23 -10.47
CA SER B 130 28.35 17.42 -10.14
C SER B 130 27.44 17.14 -8.93
N LEU B 131 26.82 15.97 -8.92
CA LEU B 131 25.92 15.63 -7.82
C LEU B 131 26.71 15.35 -6.55
N SER B 132 27.86 14.70 -6.69
CA SER B 132 28.72 14.47 -5.54
C SER B 132 29.16 15.79 -4.92
N ASN B 133 29.46 16.76 -5.77
CA ASN B 133 29.85 18.09 -5.30
C ASN B 133 28.71 18.76 -4.54
N GLU B 134 27.49 18.66 -5.08
CA GLU B 134 26.31 19.21 -4.43
C GLU B 134 26.13 18.54 -3.05
N ILE B 135 26.32 17.24 -3.01
CA ILE B 135 26.16 16.46 -1.79
C ILE B 135 27.24 16.84 -0.77
N SER B 136 28.40 17.25 -1.24
CA SER B 136 29.48 17.72 -0.36
C SER B 136 29.06 19.00 0.34
N SER B 137 28.46 19.89 -0.43
CA SER B 137 27.94 21.14 0.12
C SER B 137 26.86 20.80 1.14
N PHE B 138 26.00 19.86 0.78
CA PHE B 138 24.87 19.45 1.61
C PHE B 138 25.37 18.96 2.96
N LEU B 139 26.31 18.03 2.94
CA LEU B 139 26.81 17.41 4.16
C LEU B 139 27.53 18.45 5.02
N ASP B 140 28.24 19.36 4.38
CA ASP B 140 29.00 20.37 5.09
C ASP B 140 28.03 21.30 5.82
N THR B 141 26.83 21.46 5.28
CA THR B 141 25.87 22.38 5.87
C THR B 141 25.07 21.67 6.94
N ILE B 142 24.59 20.45 6.69
CA ILE B 142 23.71 19.81 7.67
C ILE B 142 24.45 19.41 8.93
N LYS B 143 25.77 19.23 8.83
CA LYS B 143 26.57 18.90 10.01
C LYS B 143 26.48 19.98 11.08
N LEU B 144 26.10 21.19 10.67
CA LEU B 144 25.95 22.31 11.59
C LEU B 144 24.71 22.16 12.49
N ASP B 145 23.81 21.25 12.08
CA ASP B 145 22.53 21.05 12.74
C ASP B 145 22.37 19.67 13.35
N ILE B 146 22.95 18.66 12.71
CA ILE B 146 22.57 17.27 13.00
C ILE B 146 23.75 16.29 12.84
N SER B 147 23.77 15.30 13.71
CA SER B 147 24.80 14.26 13.71
C SER B 147 24.04 12.96 13.78
N PRO B 148 23.58 12.47 12.62
CA PRO B 148 22.70 11.30 12.56
C PRO B 148 23.51 10.02 12.63
N LYS B 149 22.83 8.88 12.76
CA LYS B 149 23.49 7.59 12.70
C LYS B 149 23.25 6.88 11.36
N ASN B 150 22.32 7.37 10.55
CA ASN B 150 22.01 6.73 9.28
C ASN B 150 21.75 7.80 8.23
N VAL B 151 22.18 7.55 6.99
CA VAL B 151 21.92 8.45 5.85
C VAL B 151 21.46 7.64 4.63
N GLU B 152 20.35 8.06 4.02
CA GLU B 152 19.92 7.48 2.77
C GLU B 152 19.83 8.62 1.77
N VAL B 153 20.54 8.48 0.64
CA VAL B 153 20.46 9.40 -0.48
C VAL B 153 19.58 8.78 -1.56
N ASN B 154 18.46 9.42 -1.87
CA ASN B 154 17.48 8.85 -2.79
CA ASN B 154 17.48 8.85 -2.76
C ASN B 154 17.41 9.59 -4.09
N LEU B 155 17.51 8.86 -5.19
CA LEU B 155 17.38 9.47 -6.51
C LEU B 155 15.97 9.16 -7.02
N LEU B 156 15.10 10.16 -6.95
CA LEU B 156 13.69 10.02 -7.29
C LEU B 156 13.48 10.64 -8.66
N GLY B 157 13.34 9.80 -9.69
CA GLY B 157 13.32 8.37 -9.52
C GLY B 157 13.07 7.75 -10.87
N CYS B 158 13.97 8.02 -11.81
CA CYS B 158 13.85 7.49 -13.14
C CYS B 158 14.33 6.07 -13.10
N ASN B 159 14.50 5.49 -14.27
CA ASN B 159 15.23 4.25 -14.44
C ASN B 159 16.70 4.53 -14.22
N MET B 160 17.10 4.74 -12.97
CA MET B 160 18.50 5.00 -12.68
C MET B 160 19.24 3.71 -12.35
N PHE B 161 18.51 2.62 -12.18
CA PHE B 161 19.15 1.37 -11.80
C PHE B 161 18.62 0.16 -12.58
N SER B 162 19.51 -0.79 -12.80
CA SER B 162 19.16 -2.05 -13.43
C SER B 162 20.03 -3.15 -12.85
N TYR B 163 19.44 -4.31 -12.56
CA TYR B 163 20.22 -5.48 -12.12
C TYR B 163 20.94 -6.16 -13.27
N ASP B 164 20.77 -5.68 -14.49
CA ASP B 164 21.45 -6.27 -15.64
C ASP B 164 22.89 -5.77 -15.74
N PHE B 165 23.31 -4.92 -14.81
CA PHE B 165 24.66 -4.39 -14.84
C PHE B 165 25.40 -4.65 -13.53
N ASN B 166 26.72 -4.56 -13.58
CA ASN B 166 27.52 -4.58 -12.37
C ASN B 166 27.15 -3.31 -11.58
N VAL B 167 26.87 -3.47 -10.30
CA VAL B 167 26.43 -2.34 -9.50
C VAL B 167 27.40 -1.16 -9.61
N GLU B 168 28.69 -1.47 -9.68
CA GLU B 168 29.74 -0.45 -9.72
C GLU B 168 29.71 0.38 -11.01
N GLU B 169 29.04 -0.13 -12.04
CA GLU B 169 28.90 0.59 -13.30
C GLU B 169 27.63 1.44 -13.40
N THR B 170 26.73 1.33 -12.42
CA THR B 170 25.52 2.13 -12.41
C THR B 170 25.77 3.50 -11.78
N TYR B 171 24.89 4.45 -12.04
CA TYR B 171 25.02 5.80 -11.51
C TYR B 171 25.00 5.76 -9.98
N PRO B 172 24.01 5.06 -9.39
CA PRO B 172 23.94 5.01 -7.92
C PRO B 172 25.21 4.42 -7.31
N GLY B 173 25.75 3.39 -7.94
CA GLY B 173 26.97 2.79 -7.44
C GLY B 173 28.16 3.72 -7.48
N LYS B 174 28.37 4.35 -8.63
CA LYS B 174 29.44 5.33 -8.76
C LYS B 174 29.26 6.48 -7.77
N LEU B 175 28.02 6.92 -7.58
CA LEU B 175 27.73 8.01 -6.64
C LEU B 175 28.15 7.60 -5.21
N LEU B 176 27.80 6.39 -4.79
CA LEU B 176 28.12 5.96 -3.44
C LEU B 176 29.64 5.97 -3.23
N LEU B 177 30.39 5.45 -4.20
CA LEU B 177 31.85 5.44 -4.10
C LEU B 177 32.42 6.85 -3.95
N SER B 178 31.78 7.79 -4.63
CA SER B 178 32.21 9.17 -4.66
C SER B 178 31.89 9.93 -3.36
N ILE B 179 30.84 9.53 -2.65
CA ILE B 179 30.39 10.28 -1.47
C ILE B 179 30.62 9.54 -0.13
N MET B 180 30.93 8.26 -0.23
CA MET B 180 31.06 7.40 0.94
C MET B 180 31.92 8.04 2.02
N ASP B 181 33.15 8.40 1.69
CA ASP B 181 34.09 8.86 2.69
C ASP B 181 33.79 10.29 3.17
N LYS B 182 33.12 11.08 2.33
CA LYS B 182 32.69 12.40 2.72
C LYS B 182 31.64 12.31 3.83
N ILE B 183 30.73 11.35 3.70
CA ILE B 183 29.68 11.17 4.70
C ILE B 183 30.30 10.76 6.03
N THR B 184 31.16 9.75 6.03
CA THR B 184 31.71 9.23 7.27
C THR B 184 32.68 10.22 7.93
N SER B 185 33.24 11.13 7.15
CA SER B 185 34.19 12.11 7.66
C SER B 185 33.46 13.34 8.17
N THR B 186 32.31 13.64 7.57
CA THR B 186 31.53 14.81 7.93
C THR B 186 30.57 14.50 9.08
N LEU B 187 29.91 13.35 8.99
CA LEU B 187 28.95 12.89 9.99
C LEU B 187 29.53 11.68 10.74
N PRO B 188 30.25 11.93 11.83
CA PRO B 188 31.09 10.90 12.43
C PRO B 188 30.33 9.75 13.10
N ASP B 189 29.02 9.88 13.27
CA ASP B 189 28.25 8.83 13.93
C ASP B 189 27.62 7.90 12.91
N VAL B 190 27.81 8.20 11.63
CA VAL B 190 27.27 7.38 10.57
C VAL B 190 28.33 6.39 10.12
N ASN B 191 28.05 5.11 10.32
CA ASN B 191 29.06 4.08 10.10
C ASN B 191 28.85 3.47 8.70
N LYS B 192 29.75 2.57 8.29
CA LYS B 192 29.73 2.08 6.92
C LYS B 192 28.49 1.26 6.60
N ASN B 193 27.89 0.65 7.61
CA ASN B 193 26.69 -0.14 7.41
C ASN B 193 25.40 0.67 7.43
N SER B 194 25.53 1.99 7.57
CA SER B 194 24.37 2.83 7.77
C SER B 194 24.20 3.91 6.68
N ILE B 195 24.72 3.62 5.48
CA ILE B 195 24.63 4.50 4.33
C ILE B 195 24.08 3.74 3.13
N THR B 196 23.06 4.27 2.46
CA THR B 196 22.53 3.63 1.28
C THR B 196 22.19 4.71 0.26
N ILE B 197 22.20 4.33 -1.00
CA ILE B 197 21.58 5.10 -2.07
C ILE B 197 20.29 4.41 -2.43
N GLY B 198 19.20 5.15 -2.55
CA GLY B 198 17.94 4.59 -2.98
C GLY B 198 17.78 4.84 -4.46
N ALA B 199 17.42 3.79 -5.22
CA ALA B 199 17.19 3.98 -6.66
C ALA B 199 16.06 3.08 -7.15
N ASN B 200 15.50 3.39 -8.31
CA ASN B 200 14.37 2.63 -8.83
C ASN B 200 14.70 1.98 -10.17
N GLN B 201 14.15 0.78 -10.37
CA GLN B 201 14.29 0.08 -11.65
C GLN B 201 13.33 0.62 -12.68
N TYR B 202 12.38 1.43 -12.23
CA TYR B 202 11.27 1.90 -13.05
C TYR B 202 11.20 3.41 -13.07
N GLU B 203 10.52 3.97 -14.08
CA GLU B 203 10.18 5.38 -14.01
C GLU B 203 9.23 5.56 -12.84
N VAL B 204 9.40 6.64 -12.09
CA VAL B 204 8.61 6.89 -10.89
C VAL B 204 8.07 8.31 -10.92
N ARG B 205 6.90 8.51 -10.37
CA ARG B 205 6.35 9.85 -10.23
C ARG B 205 5.77 9.99 -8.85
N ILE B 206 5.53 11.23 -8.45
CA ILE B 206 4.84 11.51 -7.21
C ILE B 206 3.42 11.89 -7.60
N ASN B 207 2.44 11.18 -7.08
CA ASN B 207 1.05 11.54 -7.40
C ASN B 207 0.52 12.76 -6.61
N SER B 208 -0.73 13.17 -6.88
CA SER B 208 -1.23 14.40 -6.27
C SER B 208 -1.46 14.26 -4.75
N GLU B 209 -1.41 13.03 -4.26
CA GLU B 209 -1.46 12.76 -2.83
C GLU B 209 -0.09 12.68 -2.16
N GLY B 210 0.99 12.81 -2.93
CA GLY B 210 2.33 12.72 -2.36
C GLY B 210 2.92 11.30 -2.31
N ARG B 211 2.24 10.36 -2.94
CA ARG B 211 2.71 8.98 -2.92
C ARG B 211 3.43 8.62 -4.20
N LYS B 212 4.43 7.77 -4.08
CA LYS B 212 5.22 7.34 -5.22
C LYS B 212 4.48 6.29 -6.03
N GLU B 213 4.46 6.48 -7.35
CA GLU B 213 3.93 5.49 -8.27
C GLU B 213 5.01 5.08 -9.27
N LEU B 214 5.04 3.81 -9.61
CA LEU B 214 6.02 3.33 -10.56
C LEU B 214 5.34 2.84 -11.84
N LEU B 215 6.03 2.99 -12.95
CA LEU B 215 5.50 2.57 -14.24
C LEU B 215 5.94 1.12 -14.52
N ALA B 216 5.03 0.21 -14.23
CA ALA B 216 5.31 -1.20 -14.48
C ALA B 216 5.34 -1.42 -15.99
N HIS B 217 5.99 -2.50 -16.37
CA HIS B 217 6.15 -2.81 -17.78
C HIS B 217 4.82 -3.26 -18.40
N SER B 218 3.82 -3.45 -17.55
CA SER B 218 2.43 -3.59 -17.99
C SER B 218 1.83 -2.30 -18.57
N GLY B 219 2.52 -1.17 -18.43
CA GLY B 219 1.97 0.12 -18.79
C GLY B 219 1.13 0.81 -17.72
N LYS B 220 0.87 0.15 -16.60
CA LYS B 220 0.12 0.75 -15.51
C LYS B 220 1.04 1.43 -14.50
N TRP B 221 0.61 2.58 -14.00
CA TRP B 221 1.26 3.25 -12.88
C TRP B 221 0.69 2.71 -11.60
N ILE B 222 1.54 2.13 -10.77
CA ILE B 222 1.11 1.39 -9.58
C ILE B 222 1.81 1.90 -8.31
N ASN B 223 1.11 1.80 -7.19
CA ASN B 223 1.64 2.24 -5.92
C ASN B 223 2.38 1.12 -5.20
N LYS B 224 2.89 1.46 -4.01
CA LYS B 224 3.68 0.58 -3.17
C LYS B 224 2.99 -0.77 -2.96
N GLU B 225 1.71 -0.67 -2.58
CA GLU B 225 0.96 -1.86 -2.18
C GLU B 225 0.64 -2.75 -3.38
N GLU B 226 0.37 -2.11 -4.50
CA GLU B 226 0.06 -2.81 -5.75
C GLU B 226 1.31 -3.52 -6.26
N ALA B 227 2.46 -2.86 -6.10
CA ALA B 227 3.73 -3.45 -6.54
C ALA B 227 4.01 -4.70 -5.73
N ILE B 228 3.93 -4.59 -4.42
CA ILE B 228 4.17 -5.73 -3.53
C ILE B 228 3.23 -6.90 -3.89
N MET B 229 1.95 -6.59 -4.10
CA MET B 229 0.95 -7.59 -4.46
C MET B 229 1.30 -8.31 -5.77
N SER B 230 1.92 -7.60 -6.70
CA SER B 230 2.30 -8.21 -7.96
C SER B 230 3.75 -8.66 -7.99
N ASP B 231 4.36 -8.76 -6.81
CA ASP B 231 5.76 -9.18 -6.62
C ASP B 231 6.76 -8.38 -7.45
N LEU B 232 6.53 -7.08 -7.51
CA LEU B 232 7.43 -6.14 -8.12
C LEU B 232 8.10 -5.30 -7.05
N SER B 233 9.35 -4.95 -7.27
CA SER B 233 10.12 -4.13 -6.33
C SER B 233 9.96 -2.63 -6.55
N SER B 234 9.44 -1.95 -5.55
CA SER B 234 9.24 -0.51 -5.65
C SER B 234 10.49 0.31 -5.36
N LYS B 235 11.57 -0.30 -4.87
CA LYS B 235 12.75 0.46 -4.63
C LYS B 235 13.91 -0.46 -4.33
N GLU B 236 15.09 -0.08 -4.81
CA GLU B 236 16.35 -0.80 -4.50
C GLU B 236 17.26 0.06 -3.64
N TYR B 237 18.13 -0.61 -2.89
CA TYR B 237 19.13 0.03 -2.08
C TYR B 237 20.48 -0.39 -2.62
N ILE B 238 21.31 0.60 -2.96
CA ILE B 238 22.70 0.36 -3.33
C ILE B 238 23.56 0.67 -2.10
N PHE B 239 24.47 -0.25 -1.76
CA PHE B 239 25.25 -0.12 -0.53
C PHE B 239 26.60 -0.78 -0.63
N PHE B 240 27.42 -0.53 0.38
CA PHE B 240 28.77 -1.06 0.39
C PHE B 240 28.83 -2.21 1.39
N ASP B 241 29.22 -3.39 0.91
CA ASP B 241 29.31 -4.54 1.80
C ASP B 241 30.73 -4.72 2.28
N SER B 242 30.97 -4.53 3.57
CA SER B 242 32.33 -4.68 4.09
C SER B 242 32.84 -6.14 4.16
N ILE B 243 31.97 -7.13 4.00
CA ILE B 243 32.47 -8.50 4.07
C ILE B 243 33.43 -8.82 2.89
N ASP B 244 33.17 -8.20 1.74
CA ASP B 244 34.07 -8.34 0.61
C ASP B 244 34.46 -7.00 -0.06
N ASN B 245 34.07 -5.88 0.57
CA ASN B 245 34.40 -4.54 0.09
C ASN B 245 33.94 -4.36 -1.34
N LYS B 246 32.72 -4.78 -1.60
CA LYS B 246 32.12 -4.61 -2.93
C LYS B 246 30.79 -3.92 -2.83
N LEU B 247 30.48 -3.10 -3.83
CA LEU B 247 29.15 -2.51 -3.93
C LEU B 247 28.12 -3.57 -4.26
N LYS B 248 26.94 -3.45 -3.65
CA LYS B 248 25.86 -4.39 -3.90
CA LYS B 248 25.85 -4.39 -3.90
C LYS B 248 24.53 -3.65 -3.94
N ALA B 249 23.50 -4.31 -4.46
CA ALA B 249 22.15 -3.73 -4.43
C ALA B 249 21.17 -4.80 -3.98
N LYS B 250 20.10 -4.39 -3.30
CA LYS B 250 19.04 -5.32 -2.94
C LYS B 250 17.71 -4.62 -2.91
N SER B 251 16.66 -5.37 -3.17
CA SER B 251 15.32 -4.85 -3.08
C SER B 251 14.94 -4.49 -1.64
N LYS B 252 14.29 -3.34 -1.48
CA LYS B 252 13.74 -2.97 -0.20
C LYS B 252 12.71 -4.01 0.26
N ASN B 253 11.88 -4.49 -0.67
CA ASN B 253 10.68 -5.27 -0.31
C ASN B 253 10.61 -6.71 -0.79
N ILE B 254 11.40 -7.06 -1.80
CA ILE B 254 11.32 -8.39 -2.37
C ILE B 254 12.49 -9.25 -1.92
N PRO B 255 12.23 -10.24 -1.05
CA PRO B 255 13.34 -11.09 -0.58
C PRO B 255 13.98 -11.83 -1.74
N GLY B 256 15.31 -11.86 -1.77
CA GLY B 256 15.99 -12.61 -2.81
C GLY B 256 16.20 -11.86 -4.11
N LEU B 257 15.68 -10.64 -4.21
CA LEU B 257 16.03 -9.78 -5.32
C LEU B 257 17.25 -8.95 -4.92
N ALA B 258 18.38 -9.28 -5.51
CA ALA B 258 19.65 -8.63 -5.20
C ALA B 258 20.63 -8.85 -6.34
N SER B 259 21.73 -8.11 -6.30
CA SER B 259 22.69 -8.11 -7.36
C SER B 259 23.37 -9.47 -7.55
N ILE B 260 23.62 -9.79 -8.82
CA ILE B 260 24.34 -11.01 -9.22
C ILE B 260 25.73 -11.03 -8.63
N SER B 261 26.20 -12.22 -8.29
CA SER B 261 27.57 -12.41 -7.83
C SER B 261 28.45 -12.83 -9.00
#